data_5T7A
#
_entry.id   5T7A
#
_cell.length_a   76.271
_cell.length_b   54.258
_cell.length_c   57.820
_cell.angle_alpha   90.000
_cell.angle_beta   130.860
_cell.angle_gamma   90.000
#
_symmetry.space_group_name_H-M   'C 1 2 1'
#
loop_
_entity.id
_entity.type
_entity.pdbx_description
1 polymer 'BH0236 protein'
2 non-polymer 1,2-ETHANEDIOL
3 non-polymer 'BROMIDE ION'
4 water water
#
_entity_poly.entity_id   1
_entity_poly.type   'polypeptide(L)'
_entity_poly.pdbx_seq_one_letter_code
;MGSSHHHHHHSSGLVPRGSHMASQGNGDSHTHPDYTAGIRGITGNEVTIFFAPTTEARYVDVHLKVNNGQQLNYRMTERN
GEWERVVENLSSGDVLEYSFTYEKLGPQYTTEWFTYSR
;
_entity_poly.pdbx_strand_id   A,B
#
loop_
_chem_comp.id
_chem_comp.type
_chem_comp.name
_chem_comp.formula
BR non-polymer 'BROMIDE ION' 'Br -1'
EDO non-polymer 1,2-ETHANEDIOL 'C2 H6 O2'
#
# COMPACT_ATOMS: atom_id res chain seq x y z
N ASN A 26 10.00 -8.30 7.89
CA ASN A 26 9.58 -7.77 9.23
C ASN A 26 8.62 -6.55 9.30
N GLY A 27 8.22 -5.92 8.19
CA GLY A 27 7.34 -4.75 8.28
C GLY A 27 5.88 -5.10 8.44
N ASP A 28 5.06 -4.07 8.68
CA ASP A 28 3.63 -4.27 8.96
C ASP A 28 2.84 -3.38 8.06
N SER A 29 1.71 -3.88 7.64
CA SER A 29 0.74 -3.11 6.87
C SER A 29 -0.66 -3.22 7.44
N HIS A 30 -1.37 -2.10 7.34
CA HIS A 30 -2.75 -2.03 7.73
C HIS A 30 -3.51 -1.45 6.54
N THR A 31 -4.74 -1.95 6.27
CA THR A 31 -5.42 -1.52 5.10
C THR A 31 -6.85 -1.10 5.43
N HIS A 32 -7.26 -0.06 4.73
CA HIS A 32 -8.59 0.54 4.83
C HIS A 32 -8.89 1.04 3.43
N PRO A 33 -10.16 1.11 2.99
CA PRO A 33 -10.33 1.61 1.63
C PRO A 33 -9.62 2.92 1.25
N ASP A 34 -9.40 3.83 2.20
CA ASP A 34 -8.65 5.03 1.98
C ASP A 34 -7.15 4.94 1.99
N TYR A 35 -6.54 3.84 2.42
CA TYR A 35 -5.06 3.82 2.59
C TYR A 35 -4.50 2.42 2.88
N THR A 36 -3.22 2.27 2.55
CA THR A 36 -2.36 1.25 3.15
C THR A 36 -1.39 2.04 4.03
N ALA A 37 -1.19 1.58 5.27
CA ALA A 37 -0.28 2.32 6.15
C ALA A 37 0.46 1.36 7.03
N GLY A 38 1.65 1.75 7.51
CA GLY A 38 2.36 0.79 8.32
C GLY A 38 3.81 1.16 8.51
N ILE A 39 4.60 0.12 8.73
CA ILE A 39 6.04 0.24 8.98
C ILE A 39 6.81 -0.46 7.87
N ARG A 40 7.83 0.20 7.32
CA ARG A 40 8.68 -0.39 6.32
C ARG A 40 10.14 0.14 6.51
N GLY A 41 11.08 -0.30 5.65
CA GLY A 41 12.40 0.28 5.77
C GLY A 41 13.11 0.02 7.13
N ILE A 42 12.93 -1.17 7.68
CA ILE A 42 13.44 -1.44 9.02
C ILE A 42 14.97 -1.74 8.94
N THR A 43 15.73 -0.91 9.64
CA THR A 43 17.19 -1.10 9.73
C THR A 43 17.55 -1.15 11.20
N GLY A 44 18.84 -1.25 11.49
CA GLY A 44 19.17 -1.26 12.89
C GLY A 44 18.91 0.06 13.59
N ASN A 45 18.91 1.18 12.88
CA ASN A 45 18.79 2.49 13.54
C ASN A 45 17.56 3.25 13.12
N GLU A 46 16.68 2.64 12.31
CA GLU A 46 15.49 3.42 11.88
C GLU A 46 14.41 2.52 11.33
N VAL A 47 13.18 3.04 11.37
CA VAL A 47 12.06 2.44 10.61
C VAL A 47 11.39 3.58 9.94
N THR A 48 10.59 3.27 8.90
CA THR A 48 9.80 4.31 8.24
C THR A 48 8.32 4.03 8.43
N ILE A 49 7.62 5.00 8.99
CA ILE A 49 6.13 4.95 8.98
C ILE A 49 5.70 5.44 7.63
N PHE A 50 4.83 4.66 6.97
CA PHE A 50 4.36 5.08 5.65
C PHE A 50 2.85 5.11 5.65
N PHE A 51 2.34 5.93 4.75
CA PHE A 51 0.88 6.11 4.53
C PHE A 51 0.66 6.34 3.03
N ALA A 52 -0.02 5.41 2.38
CA ALA A 52 -0.17 5.38 0.93
C ALA A 52 -1.66 5.45 0.63
N PRO A 53 -2.20 6.66 0.44
CA PRO A 53 -3.64 6.79 0.28
C PRO A 53 -4.08 6.40 -1.11
N THR A 54 -5.29 5.90 -1.21
CA THR A 54 -5.90 5.55 -2.50
C THR A 54 -6.37 6.71 -3.31
N THR A 55 -6.66 7.81 -2.64
CA THR A 55 -6.93 9.08 -3.29
C THR A 55 -5.82 10.03 -2.83
N GLU A 56 -5.26 10.81 -3.74
CA GLU A 56 -4.22 11.80 -3.41
C GLU A 56 -4.68 12.70 -2.24
N ALA A 57 -3.77 12.90 -1.29
CA ALA A 57 -4.02 13.74 -0.10
C ALA A 57 -3.24 15.08 -0.24
N ARG A 58 -3.87 16.18 0.21
CA ARG A 58 -3.17 17.45 0.24
C ARG A 58 -2.10 17.43 1.34
N TYR A 59 -2.34 16.66 2.39
CA TYR A 59 -1.42 16.53 3.52
C TYR A 59 -1.79 15.31 4.32
N VAL A 60 -0.77 14.79 5.02
CA VAL A 60 -1.01 13.72 6.04
C VAL A 60 -0.10 14.02 7.22
N ASP A 61 -0.69 14.05 8.42
CA ASP A 61 0.03 14.12 9.69
C ASP A 61 0.09 12.74 10.35
N VAL A 62 1.21 12.47 11.03
CA VAL A 62 1.31 11.31 11.87
C VAL A 62 1.42 11.71 13.32
N HIS A 63 0.78 10.93 14.16
CA HIS A 63 0.74 11.11 15.66
C HIS A 63 1.45 9.88 16.19
N LEU A 64 2.50 10.04 17.04
CA LEU A 64 3.23 8.85 17.50
C LEU A 64 3.61 8.95 18.94
N LYS A 65 3.77 7.77 19.53
CA LYS A 65 4.34 7.68 20.87
C LYS A 65 5.20 6.47 20.93
N VAL A 66 6.24 6.51 21.77
CA VAL A 66 7.12 5.38 21.92
C VAL A 66 7.09 4.94 23.40
N ASN A 67 6.84 3.66 23.65
CA ASN A 67 6.70 3.08 25.05
C ASN A 67 5.76 3.97 25.89
N ASN A 68 4.66 4.34 25.28
CA ASN A 68 3.60 5.11 25.92
C ASN A 68 4.08 6.46 26.45
N GLY A 69 5.07 7.03 25.80
CA GLY A 69 5.52 8.34 26.15
C GLY A 69 4.60 9.43 25.61
N GLN A 70 5.17 10.61 25.55
CA GLN A 70 4.43 11.78 25.08
C GLN A 70 4.11 11.69 23.59
N GLN A 71 2.95 12.18 23.19
CA GLN A 71 2.55 12.15 21.83
C GLN A 71 3.25 13.24 21.05
N LEU A 72 3.82 12.87 19.90
CA LEU A 72 4.53 13.76 19.01
C LEU A 72 3.76 13.77 17.70
N ASN A 73 3.57 14.93 17.12
CA ASN A 73 2.83 15.13 15.89
C ASN A 73 3.71 15.72 14.79
N TYR A 74 3.66 15.14 13.59
CA TYR A 74 4.52 15.56 12.52
C TYR A 74 3.76 15.58 11.21
N ARG A 75 4.02 16.57 10.36
CA ARG A 75 3.61 16.52 8.96
C ARG A 75 4.52 15.54 8.28
N MET A 76 3.95 14.53 7.64
CA MET A 76 4.70 13.56 6.90
C MET A 76 5.26 14.21 5.65
N THR A 77 6.26 13.56 5.09
CA THR A 77 6.87 13.95 3.83
C THR A 77 6.30 13.22 2.67
N GLU A 78 5.89 13.93 1.64
CA GLU A 78 5.30 13.32 0.45
C GLU A 78 6.36 12.89 -0.52
N ARG A 79 6.21 11.70 -1.08
CA ARG A 79 7.09 11.25 -2.12
C ARG A 79 6.30 10.30 -3.02
N ASN A 80 6.12 10.69 -4.28
CA ASN A 80 5.44 9.86 -5.28
C ASN A 80 4.11 9.36 -4.85
N GLY A 81 3.37 10.25 -4.22
CA GLY A 81 1.99 9.90 -3.85
C GLY A 81 1.83 9.14 -2.52
N GLU A 82 2.96 8.89 -1.85
N GLU A 82 2.96 8.93 -1.83
CA GLU A 82 3.01 8.24 -0.53
CA GLU A 82 2.96 8.32 -0.50
C GLU A 82 3.46 9.29 0.43
C GLU A 82 3.66 9.21 0.47
N TRP A 83 3.38 8.99 1.73
CA TRP A 83 3.77 9.92 2.81
C TRP A 83 4.59 9.10 3.81
N GLU A 84 5.68 9.70 4.28
CA GLU A 84 6.65 8.99 5.14
C GLU A 84 7.09 9.80 6.33
N ARG A 85 7.39 9.09 7.40
CA ARG A 85 8.08 9.67 8.56
C ARG A 85 9.08 8.60 9.05
N VAL A 86 10.34 8.97 9.11
CA VAL A 86 11.40 8.12 9.66
C VAL A 86 11.44 8.29 11.18
N VAL A 87 11.45 7.20 11.89
CA VAL A 87 11.58 7.18 13.33
C VAL A 87 12.92 6.54 13.61
N GLU A 88 13.79 7.36 14.21
CA GLU A 88 15.20 6.90 14.44
C GLU A 88 15.41 6.37 15.83
N ASN A 89 16.32 5.43 15.93
CA ASN A 89 16.81 4.89 17.20
C ASN A 89 15.89 4.13 18.11
N LEU A 90 14.90 3.42 17.56
CA LEU A 90 14.17 2.43 18.33
C LEU A 90 15.06 1.27 18.72
N SER A 91 15.24 1.06 20.01
CA SER A 91 15.93 -0.14 20.48
C SER A 91 14.96 -1.30 20.32
N SER A 92 15.54 -2.49 20.24
CA SER A 92 14.78 -3.71 20.21
C SER A 92 13.93 -3.75 21.45
N GLY A 93 12.68 -4.19 21.32
CA GLY A 93 11.71 -4.04 22.39
C GLY A 93 10.92 -2.73 22.50
N ASP A 94 11.36 -1.65 21.83
CA ASP A 94 10.58 -0.40 21.79
C ASP A 94 9.19 -0.68 21.18
N VAL A 95 8.15 -0.11 21.80
CA VAL A 95 6.79 -0.11 21.24
C VAL A 95 6.47 1.27 20.60
N LEU A 96 6.18 1.27 19.31
CA LEU A 96 5.80 2.50 18.59
C LEU A 96 4.30 2.40 18.30
N GLU A 97 3.56 3.40 18.77
CA GLU A 97 2.14 3.52 18.47
C GLU A 97 1.99 4.73 17.56
N TYR A 98 1.09 4.64 16.57
CA TYR A 98 1.02 5.66 15.55
C TYR A 98 -0.37 5.70 14.96
N SER A 99 -0.80 6.93 14.67
CA SER A 99 -2.10 7.16 14.01
CA SER A 99 -2.15 7.24 14.12
C SER A 99 -1.92 8.27 13.01
N PHE A 100 -2.91 8.44 12.14
CA PHE A 100 -2.81 9.43 11.10
C PHE A 100 -3.98 10.37 11.05
N THR A 101 -3.71 11.57 10.56
CA THR A 101 -4.79 12.47 10.15
C THR A 101 -4.48 12.77 8.68
N TYR A 102 -5.41 12.41 7.80
CA TYR A 102 -5.21 12.56 6.37
C TYR A 102 -6.32 13.33 5.72
N GLU A 103 -5.92 14.12 4.75
CA GLU A 103 -6.91 14.90 3.99
C GLU A 103 -7.42 13.99 2.83
N LYS A 104 -8.67 14.13 2.46
N LYS A 104 -8.65 14.19 2.45
CA LYS A 104 -9.21 13.42 1.29
CA LYS A 104 -9.16 13.50 1.28
C LYS A 104 -10.34 14.25 0.72
C LYS A 104 -10.33 14.27 0.72
N LEU A 105 -10.10 14.88 -0.42
CA LEU A 105 -11.21 15.58 -1.17
C LEU A 105 -11.86 16.70 -0.32
N GLY A 106 -11.06 17.32 0.54
CA GLY A 106 -11.39 18.54 1.29
C GLY A 106 -11.27 18.38 2.79
N PRO A 107 -12.10 17.52 3.37
CA PRO A 107 -12.02 17.26 4.82
C PRO A 107 -10.85 16.41 5.18
N GLN A 108 -10.65 16.26 6.48
CA GLN A 108 -9.63 15.36 7.01
C GLN A 108 -10.27 14.33 7.93
N TYR A 109 -9.54 13.24 8.07
CA TYR A 109 -9.98 12.09 8.82
C TYR A 109 -8.83 11.56 9.66
N THR A 110 -9.14 10.99 10.82
CA THR A 110 -8.14 10.43 11.71
C THR A 110 -8.35 8.98 12.01
N THR A 111 -7.27 8.23 11.97
CA THR A 111 -7.33 6.82 12.23
C THR A 111 -7.20 6.48 13.74
N GLU A 112 -7.46 5.23 14.02
CA GLU A 112 -7.13 4.61 15.26
C GLU A 112 -5.64 4.57 15.44
N TRP A 113 -5.19 4.17 16.64
CA TRP A 113 -3.81 3.95 16.94
C TRP A 113 -3.42 2.55 16.56
N PHE A 114 -2.39 2.42 15.74
CA PHE A 114 -1.74 1.18 15.39
C PHE A 114 -0.53 0.98 16.28
N THR A 115 -0.06 -0.28 16.37
CA THR A 115 1.10 -0.60 17.23
C THR A 115 2.13 -1.42 16.46
N TYR A 116 3.39 -1.12 16.71
CA TYR A 116 4.52 -1.82 16.15
C TYR A 116 5.52 -2.12 17.26
N SER A 117 6.00 -3.37 17.40
N SER A 117 6.04 -3.34 17.28
CA SER A 117 7.11 -3.62 18.34
CA SER A 117 7.06 -3.75 18.23
C SER A 117 8.38 -3.89 17.56
C SER A 117 8.39 -3.91 17.51
N ARG A 118 9.40 -3.13 17.87
CA ARG A 118 10.72 -3.23 17.22
C ARG A 118 11.48 -4.47 17.66
N GLY B 27 1.79 -20.20 -12.30
CA GLY B 27 0.58 -20.12 -11.42
C GLY B 27 0.09 -18.69 -11.22
N ASP B 28 1.05 -17.74 -11.16
CA ASP B 28 0.81 -16.27 -10.96
C ASP B 28 1.23 -15.42 -12.17
N SER B 29 1.07 -16.02 -13.37
CA SER B 29 0.84 -15.29 -14.60
C SER B 29 -0.52 -15.78 -15.08
N HIS B 30 -1.36 -14.87 -15.56
CA HIS B 30 -2.72 -15.15 -16.01
C HIS B 30 -2.90 -14.50 -17.39
N THR B 31 -3.34 -15.25 -18.42
CA THR B 31 -3.47 -14.70 -19.76
C THR B 31 -4.92 -14.69 -20.18
N HIS B 32 -5.23 -13.74 -21.02
CA HIS B 32 -6.55 -13.46 -21.46
C HIS B 32 -6.34 -12.74 -22.78
N PRO B 33 -7.31 -12.77 -23.69
CA PRO B 33 -7.12 -12.02 -24.91
C PRO B 33 -6.74 -10.57 -24.75
N ASP B 34 -7.21 -9.95 -23.66
CA ASP B 34 -6.98 -8.56 -23.41
C ASP B 34 -5.70 -8.23 -22.57
N TYR B 35 -5.04 -9.21 -22.01
CA TYR B 35 -3.93 -8.94 -21.08
C TYR B 35 -3.22 -10.18 -20.62
N THR B 36 -2.00 -10.02 -20.09
CA THR B 36 -1.43 -10.93 -19.19
C THR B 36 -1.28 -10.14 -17.93
N ALA B 37 -1.53 -10.79 -16.83
CA ALA B 37 -1.42 -10.16 -15.52
C ALA B 37 -0.90 -11.13 -14.49
N GLY B 38 -0.33 -10.62 -13.41
CA GLY B 38 0.12 -11.49 -12.36
C GLY B 38 1.00 -10.82 -11.33
N ILE B 39 1.86 -11.62 -10.75
CA ILE B 39 2.73 -11.21 -9.69
C ILE B 39 4.16 -11.49 -10.13
N ARG B 40 5.00 -10.52 -9.94
CA ARG B 40 6.44 -10.61 -10.18
C ARG B 40 7.27 -9.72 -9.27
N GLY B 41 8.60 -9.62 -9.50
CA GLY B 41 9.39 -8.77 -8.60
C GLY B 41 9.35 -9.12 -7.11
N ILE B 42 9.25 -10.42 -6.83
CA ILE B 42 9.08 -10.89 -5.45
C ILE B 42 10.41 -10.70 -4.68
N THR B 43 10.34 -9.94 -3.59
CA THR B 43 11.41 -9.85 -2.55
C THR B 43 10.86 -10.26 -1.16
N GLY B 44 11.75 -10.24 -0.18
CA GLY B 44 11.32 -10.47 1.18
C GLY B 44 10.40 -9.39 1.74
N ASN B 45 10.36 -8.23 1.09
CA ASN B 45 9.59 -7.07 1.62
C ASN B 45 8.45 -6.61 0.73
N GLU B 46 8.41 -7.11 -0.53
CA GLU B 46 7.41 -6.66 -1.49
C GLU B 46 7.21 -7.62 -2.63
N VAL B 47 6.08 -7.46 -3.33
CA VAL B 47 5.79 -8.08 -4.59
C VAL B 47 5.23 -7.03 -5.51
N THR B 48 5.27 -7.26 -6.82
CA THR B 48 4.67 -6.36 -7.80
C THR B 48 3.50 -7.04 -8.56
N ILE B 49 2.34 -6.42 -8.52
CA ILE B 49 1.22 -6.77 -9.37
C ILE B 49 1.43 -6.14 -10.70
N PHE B 50 1.38 -6.90 -11.78
CA PHE B 50 1.47 -6.31 -13.11
C PHE B 50 0.28 -6.64 -13.99
N PHE B 51 0.02 -5.74 -14.93
CA PHE B 51 -1.04 -5.88 -15.87
C PHE B 51 -0.53 -5.35 -17.20
N ALA B 52 -0.51 -6.27 -18.18
CA ALA B 52 0.09 -5.98 -19.49
C ALA B 52 -0.98 -6.12 -20.55
N PRO B 53 -1.69 -5.05 -20.88
CA PRO B 53 -2.79 -5.19 -21.83
C PRO B 53 -2.24 -5.40 -23.25
N THR B 54 -3.06 -6.00 -24.05
CA THR B 54 -2.77 -6.23 -25.45
C THR B 54 -3.22 -5.12 -26.36
N THR B 55 -3.95 -4.14 -25.84
CA THR B 55 -4.25 -2.89 -26.50
C THR B 55 -3.85 -1.82 -25.49
N GLU B 56 -3.21 -0.77 -25.96
CA GLU B 56 -2.87 0.34 -25.08
C GLU B 56 -4.13 0.83 -24.33
N ALA B 57 -3.95 0.98 -23.03
CA ALA B 57 -5.03 1.42 -22.10
C ALA B 57 -4.82 2.86 -21.66
N ARG B 58 -5.90 3.63 -21.57
CA ARG B 58 -5.76 4.97 -21.03
C ARG B 58 -5.55 4.97 -19.52
N TYR B 59 -6.04 3.92 -18.86
CA TYR B 59 -5.88 3.75 -17.43
C TYR B 59 -6.10 2.31 -17.06
N VAL B 60 -5.50 1.91 -15.95
CA VAL B 60 -5.75 0.58 -15.35
C VAL B 60 -5.72 0.81 -13.86
N ASP B 61 -6.82 0.39 -13.20
CA ASP B 61 -6.82 0.36 -11.73
C ASP B 61 -6.68 -1.07 -11.23
N VAL B 62 -6.08 -1.24 -10.04
CA VAL B 62 -6.04 -2.50 -9.40
C VAL B 62 -6.88 -2.47 -8.12
N HIS B 63 -7.65 -3.53 -7.92
CA HIS B 63 -8.51 -3.72 -6.75
C HIS B 63 -7.89 -4.83 -5.93
N LEU B 64 -7.60 -4.57 -4.64
CA LEU B 64 -6.93 -5.56 -3.88
C LEU B 64 -7.35 -5.75 -2.45
N LYS B 65 -7.26 -7.00 -2.00
CA LYS B 65 -7.66 -7.34 -0.66
C LYS B 65 -6.61 -8.26 -0.09
N VAL B 66 -6.20 -8.06 1.15
CA VAL B 66 -5.25 -8.96 1.82
C VAL B 66 -5.95 -9.71 2.96
N ASN B 67 -5.75 -11.01 3.00
CA ASN B 67 -6.24 -11.84 4.18
C ASN B 67 -7.68 -11.54 4.48
N ASN B 68 -8.50 -11.50 3.44
CA ASN B 68 -9.93 -11.36 3.57
C ASN B 68 -10.34 -10.00 4.20
N GLY B 69 -9.52 -8.98 4.05
CA GLY B 69 -9.79 -7.67 4.66
C GLY B 69 -10.49 -6.74 3.71
N GLN B 70 -10.31 -5.44 3.91
CA GLN B 70 -10.89 -4.42 3.09
C GLN B 70 -10.31 -4.37 1.69
N GLN B 71 -11.15 -4.04 0.74
CA GLN B 71 -10.68 -3.83 -0.62
C GLN B 71 -10.18 -2.41 -0.80
N LEU B 72 -9.06 -2.24 -1.49
CA LEU B 72 -8.51 -0.97 -1.86
C LEU B 72 -8.41 -0.85 -3.36
N ASN B 73 -8.63 0.34 -3.88
CA ASN B 73 -8.51 0.61 -5.33
C ASN B 73 -7.39 1.59 -5.55
N TYR B 74 -6.42 1.21 -6.36
CA TYR B 74 -5.39 2.15 -6.78
C TYR B 74 -5.28 2.24 -8.24
N ARG B 75 -5.08 3.46 -8.71
CA ARG B 75 -4.65 3.62 -10.11
C ARG B 75 -3.23 3.08 -10.19
N MET B 76 -3.00 2.16 -11.13
CA MET B 76 -1.70 1.56 -11.31
C MET B 76 -0.75 2.57 -11.99
N THR B 77 0.55 2.31 -11.86
CA THR B 77 1.60 3.15 -12.49
C THR B 77 1.97 2.55 -13.83
N GLU B 78 1.84 3.31 -14.88
CA GLU B 78 2.15 2.86 -16.23
C GLU B 78 3.66 2.95 -16.45
N ARG B 79 4.20 1.95 -17.12
CA ARG B 79 5.64 1.93 -17.52
C ARG B 79 5.74 1.18 -18.81
N ASN B 80 5.91 1.99 -19.86
CA ASN B 80 6.18 1.45 -21.21
C ASN B 80 5.22 0.32 -21.61
N GLY B 81 3.95 0.58 -21.37
CA GLY B 81 2.92 -0.31 -21.93
C GLY B 81 2.42 -1.34 -20.94
N GLU B 82 3.04 -1.40 -19.76
CA GLU B 82 2.54 -2.29 -18.68
C GLU B 82 2.14 -1.37 -17.56
N TRP B 83 1.41 -1.94 -16.61
CA TRP B 83 0.90 -1.21 -15.44
C TRP B 83 1.26 -2.03 -14.21
N GLU B 84 1.71 -1.33 -13.15
CA GLU B 84 2.27 -1.97 -12.01
C GLU B 84 1.79 -1.33 -10.70
N ARG B 85 1.79 -2.19 -9.69
CA ARG B 85 1.52 -1.76 -8.32
C ARG B 85 2.26 -2.66 -7.34
N VAL B 86 2.96 -2.06 -6.42
CA VAL B 86 3.74 -2.77 -5.40
C VAL B 86 2.91 -2.97 -4.14
N VAL B 87 2.96 -4.19 -3.62
CA VAL B 87 2.31 -4.52 -2.39
C VAL B 87 3.44 -4.97 -1.43
N GLU B 88 3.52 -4.34 -0.27
CA GLU B 88 4.60 -4.53 0.69
C GLU B 88 4.15 -5.39 1.87
N ASN B 89 5.15 -5.94 2.54
CA ASN B 89 5.00 -6.56 3.84
C ASN B 89 4.14 -7.80 3.88
N LEU B 90 3.92 -8.44 2.76
CA LEU B 90 3.25 -9.79 2.87
C LEU B 90 4.16 -10.81 3.52
N SER B 91 3.59 -11.61 4.43
CA SER B 91 4.29 -12.74 5.08
C SER B 91 3.84 -14.08 4.44
N SER B 92 4.67 -15.11 4.62
N SER B 92 4.67 -15.10 4.58
CA SER B 92 4.36 -16.45 4.14
CA SER B 92 4.35 -16.37 3.96
C SER B 92 2.94 -16.85 4.54
C SER B 92 2.99 -16.83 4.49
N GLY B 93 2.13 -17.24 3.57
CA GLY B 93 0.74 -17.66 3.87
C GLY B 93 -0.30 -16.54 3.78
N ASP B 94 0.14 -15.27 3.85
CA ASP B 94 -0.81 -14.18 3.52
C ASP B 94 -1.36 -14.36 2.14
N VAL B 95 -2.61 -13.98 1.97
CA VAL B 95 -3.33 -14.17 0.72
C VAL B 95 -3.68 -12.80 0.15
N LEU B 96 -3.27 -12.57 -1.08
CA LEU B 96 -3.55 -11.33 -1.81
C LEU B 96 -4.50 -11.64 -2.93
N GLU B 97 -5.69 -11.05 -2.87
CA GLU B 97 -6.65 -11.18 -3.94
C GLU B 97 -6.58 -9.92 -4.75
N TYR B 98 -6.61 -10.04 -6.08
CA TYR B 98 -6.50 -8.86 -6.90
C TYR B 98 -7.31 -8.98 -8.17
N SER B 99 -7.83 -7.84 -8.64
CA SER B 99 -8.53 -7.75 -9.88
C SER B 99 -8.26 -6.39 -10.50
N PHE B 100 -8.70 -6.19 -11.73
CA PHE B 100 -8.34 -4.97 -12.46
C PHE B 100 -9.52 -4.35 -13.15
N THR B 101 -9.53 -3.03 -13.25
CA THR B 101 -10.45 -2.31 -14.16
C THR B 101 -9.56 -1.63 -15.19
N TYR B 102 -9.74 -2.01 -16.45
CA TYR B 102 -8.90 -1.49 -17.54
C TYR B 102 -9.73 -0.86 -18.64
N GLU B 103 -9.20 0.22 -19.19
CA GLU B 103 -9.77 0.90 -20.30
C GLU B 103 -9.33 0.22 -21.62
N LYS B 104 -10.27 0.10 -22.52
CA LYS B 104 -9.89 -0.47 -23.88
C LYS B 104 -10.82 0.16 -24.92
N LEU B 105 -10.25 1.05 -25.72
CA LEU B 105 -10.96 1.65 -26.86
C LEU B 105 -12.22 2.42 -26.51
N GLY B 106 -12.18 3.05 -25.34
CA GLY B 106 -13.26 3.94 -24.87
C GLY B 106 -13.78 3.51 -23.49
N PRO B 107 -14.51 2.37 -23.44
CA PRO B 107 -15.06 1.95 -22.17
C PRO B 107 -14.07 1.21 -21.33
N GLN B 108 -14.53 0.74 -20.16
CA GLN B 108 -13.70 0.04 -19.24
C GLN B 108 -14.35 -1.31 -18.89
N TYR B 109 -13.53 -2.26 -18.50
CA TYR B 109 -13.90 -3.65 -18.16
C TYR B 109 -13.19 -4.07 -16.91
N THR B 110 -13.80 -4.97 -16.14
CA THR B 110 -13.25 -5.43 -14.88
C THR B 110 -13.11 -6.93 -14.87
N THR B 111 -11.94 -7.41 -14.48
CA THR B 111 -11.56 -8.81 -14.45
C THR B 111 -12.17 -9.54 -13.26
N GLU B 112 -12.16 -10.88 -13.33
CA GLU B 112 -12.31 -11.70 -12.21
C GLU B 112 -11.23 -11.45 -11.14
N TRP B 113 -11.47 -11.95 -9.94
CA TRP B 113 -10.48 -11.99 -8.95
C TRP B 113 -9.46 -13.08 -9.14
N PHE B 114 -8.21 -12.71 -8.95
CA PHE B 114 -7.09 -13.63 -8.93
C PHE B 114 -6.56 -13.76 -7.53
N THR B 115 -5.82 -14.82 -7.26
CA THR B 115 -5.32 -15.09 -5.93
C THR B 115 -3.85 -15.38 -5.99
N TYR B 116 -3.14 -14.76 -5.06
CA TYR B 116 -1.72 -14.97 -4.81
C TYR B 116 -1.47 -15.28 -3.34
N SER B 117 -0.79 -16.39 -3.08
CA SER B 117 -0.38 -16.75 -1.73
C SER B 117 1.07 -16.48 -1.60
N ARG B 118 1.47 -15.61 -0.68
CA ARG B 118 2.84 -15.30 -0.49
C ARG B 118 3.64 -16.50 0.03
C1 EDO C . -13.55 8.89 4.99
O1 EDO C . -13.35 7.68 4.17
C2 EDO C . -14.82 8.67 5.76
O2 EDO C . -15.91 8.73 4.89
C1 EDO D . -8.25 21.38 5.52
O1 EDO D . -9.17 22.00 4.56
C2 EDO D . -8.44 19.93 5.34
O2 EDO D . -9.48 19.50 6.05
C1 EDO E . -1.74 5.54 22.29
O1 EDO E . -1.63 6.23 23.53
C2 EDO E . -3.08 4.90 22.28
O2 EDO E . -2.98 3.49 22.44
C1 EDO F . 8.97 9.36 22.93
O1 EDO F . 9.58 10.62 22.85
C2 EDO F . 7.64 9.47 22.19
O2 EDO F . 6.51 9.08 22.97
BR BR G . 6.48 18.65 11.30
BR BR H . -6.15 10.62 -6.69
BR BR I . -3.03 -5.39 5.25
BR BR J . -7.21 3.42 18.99
C1 EDO K . 3.63 0.74 -1.90
O1 EDO K . 3.21 0.99 -3.27
C2 EDO K . 2.55 0.89 -0.83
O2 EDO K . 2.67 -0.02 0.32
C1 EDO L . -6.51 -7.68 -28.69
O1 EDO L . -7.51 -6.72 -29.02
C2 EDO L . -7.15 -8.96 -28.21
O2 EDO L . -8.27 -8.67 -27.36
C1 EDO M . -13.53 -6.41 -23.90
O1 EDO M . -12.51 -7.18 -24.53
C2 EDO M . -13.82 -7.12 -22.59
O2 EDO M . -14.70 -8.23 -22.76
BR BR N . 3.02 -18.27 -4.23
BR BR O . 9.51 -12.78 -9.16
BR BR P . -2.68 -19.39 -4.41
#